data_7JG3
#
_entry.id   7JG3
#
_cell.length_a   74.522
_cell.length_b   74.522
_cell.length_c   100.060
_cell.angle_alpha   90.000
_cell.angle_beta   90.000
_cell.angle_gamma   120.000
#
_symmetry.space_group_name_H-M   'P 32 2 1'
#
loop_
_entity.id
_entity.type
_entity.pdbx_description
1 polymer 'Trifunctional purine biosynthetic protein adenosine-3'
2 non-polymer 'GLYCINAMIDE RIBONUCLEOTIDE'
3 non-polymer 'N-{5-[4-(2-amino-4-oxo-3,4-dihydrothieno[2,3-d]pyrimidin-6-yl)butyl]furan-2-carbonyl}-L-glutamic acid'
4 non-polymer 'SODIUM ION'
5 water water
#
_entity_poly.entity_id   1
_entity_poly.type   'polypeptide(L)'
_entity_poly.pdbx_seq_one_letter_code
;MARVAVLISGTGSNLQALIDSTREPNSSAQIDIVISNKAAVAGLDKAERAGIPTRVINHKLYKNRVEFDSAIDLVLEEFS
IDIVCLAGFMRILSGPFVQKWNGKMLNIHPSLLPSFKGSNAHEQALETGVTVTGCTVHFVAEDVDAGQIILQEAVPVKRG
DTVATLSERVKLAEHKIFPAALQLVASGTVQLGENGKICWVKEEHHHHHH
;
_entity_poly.pdbx_strand_id   A
#
loop_
_chem_comp.id
_chem_comp.type
_chem_comp.name
_chem_comp.formula
GAR non-polymer 'GLYCINAMIDE RIBONUCLEOTIDE' 'C7 H13 N2 O8 P -2'
NA non-polymer 'SODIUM ION' 'Na 1'
V9A non-polymer 'N-{5-[4-(2-amino-4-oxo-3,4-dihydrothieno[2,3-d]pyrimidin-6-yl)butyl]furan-2-carbonyl}-L-glutamic acid' 'C20 H22 N4 O7 S'
#
# COMPACT_ATOMS: atom_id res chain seq x y z
N ALA A 2 -6.10 10.88 -11.84
CA ALA A 2 -5.20 11.02 -10.72
C ALA A 2 -3.88 10.36 -11.04
N ARG A 3 -2.79 11.04 -10.70
CA ARG A 3 -1.44 10.55 -10.94
C ARG A 3 -0.93 9.85 -9.67
N VAL A 4 -0.49 8.60 -9.82
CA VAL A 4 -0.24 7.72 -8.70
C VAL A 4 1.25 7.33 -8.66
N ALA A 5 1.82 7.39 -7.47
CA ALA A 5 3.12 6.79 -7.20
C ALA A 5 2.90 5.52 -6.38
N VAL A 6 3.61 4.44 -6.74
CA VAL A 6 3.56 3.21 -5.96
C VAL A 6 4.92 3.01 -5.30
N LEU A 7 4.90 2.89 -3.97
CA LEU A 7 6.11 2.66 -3.18
C LEU A 7 6.16 1.18 -2.79
N ILE A 8 7.33 0.57 -2.97
CA ILE A 8 7.51 -0.85 -2.76
C ILE A 8 8.82 -1.11 -2.02
N SER A 9 8.88 -2.29 -1.40
CA SER A 9 10.10 -2.77 -0.78
C SER A 9 10.55 -4.16 -1.25
N GLY A 10 9.73 -4.86 -2.03
CA GLY A 10 10.07 -6.22 -2.43
C GLY A 10 9.38 -6.72 -3.69
N THR A 11 8.60 -7.79 -3.55
CA THR A 11 8.19 -8.58 -4.72
C THR A 11 7.30 -7.78 -5.67
N GLY A 12 6.32 -7.07 -5.13
CA GLY A 12 5.50 -6.21 -5.94
C GLY A 12 4.28 -6.87 -6.57
N SER A 13 3.76 -7.93 -5.96
CA SER A 13 2.52 -8.50 -6.48
C SER A 13 1.36 -7.52 -6.37
N ASN A 14 1.32 -6.72 -5.30
CA ASN A 14 0.28 -5.70 -5.22
C ASN A 14 0.49 -4.63 -6.28
N LEU A 15 1.75 -4.20 -6.47
CA LEU A 15 2.08 -3.32 -7.59
C LEU A 15 1.51 -3.84 -8.91
N GLN A 16 1.78 -5.12 -9.22
CA GLN A 16 1.30 -5.69 -10.48
C GLN A 16 -0.22 -5.64 -10.59
N ALA A 17 -0.93 -5.99 -9.51
CA ALA A 17 -2.39 -5.89 -9.54
C ALA A 17 -2.84 -4.44 -9.79
N LEU A 18 -2.15 -3.49 -9.17
CA LEU A 18 -2.46 -2.08 -9.40
C LEU A 18 -2.13 -1.69 -10.83
N ILE A 19 -0.99 -2.16 -11.36
CA ILE A 19 -0.68 -1.89 -12.77
C ILE A 19 -1.82 -2.39 -13.66
N ASP A 20 -2.24 -3.64 -13.45
CA ASP A 20 -3.29 -4.22 -14.28
C ASP A 20 -4.58 -3.41 -14.22
N SER A 21 -5.04 -3.05 -13.01
CA SER A 21 -6.29 -2.31 -12.90
C SER A 21 -6.18 -0.94 -13.56
N THR A 22 -5.05 -0.24 -13.39
CA THR A 22 -4.98 1.13 -13.88
C THR A 22 -4.81 1.19 -15.40
N ARG A 23 -4.65 0.05 -16.07
CA ARG A 23 -4.63 0.02 -17.52
C ARG A 23 -5.99 -0.29 -18.13
N GLU A 24 -6.96 -0.64 -17.30
CA GLU A 24 -8.34 -0.73 -17.76
C GLU A 24 -8.81 0.61 -18.29
N PRO A 25 -9.56 0.63 -19.40
CA PRO A 25 -9.99 1.93 -19.96
C PRO A 25 -10.65 2.82 -18.92
N ASN A 26 -11.46 2.26 -18.02
CA ASN A 26 -12.24 3.07 -17.09
C ASN A 26 -11.46 3.46 -15.85
N SER A 27 -10.17 3.14 -15.76
CA SER A 27 -9.39 3.49 -14.57
C SER A 27 -9.23 5.00 -14.42
N SER A 28 -9.45 5.49 -13.21
CA SER A 28 -9.26 6.91 -12.90
C SER A 28 -7.87 7.18 -12.36
N ALA A 29 -7.02 6.16 -12.30
CA ALA A 29 -5.66 6.28 -11.80
C ALA A 29 -4.69 5.93 -12.92
N GLN A 30 -3.54 6.61 -12.92
CA GLN A 30 -2.42 6.23 -13.77
C GLN A 30 -1.18 6.12 -12.89
N ILE A 31 -0.39 5.07 -13.08
CA ILE A 31 0.83 4.90 -12.29
C ILE A 31 1.96 5.55 -13.07
N ASP A 32 2.51 6.65 -12.55
CA ASP A 32 3.51 7.41 -13.27
C ASP A 32 4.91 7.19 -12.75
N ILE A 33 5.08 6.58 -11.58
CA ILE A 33 6.39 6.39 -11.00
C ILE A 33 6.29 5.27 -9.98
N VAL A 34 7.29 4.40 -9.97
CA VAL A 34 7.44 3.36 -8.96
C VAL A 34 8.73 3.61 -8.19
N ILE A 35 8.64 3.62 -6.87
CA ILE A 35 9.78 3.94 -6.00
C ILE A 35 10.00 2.79 -5.04
N SER A 36 11.23 2.29 -5.01
CA SER A 36 11.64 1.24 -4.08
C SER A 36 12.69 1.79 -3.14
N ASN A 37 12.60 1.40 -1.86
CA ASN A 37 13.68 1.71 -0.92
C ASN A 37 14.78 0.67 -0.95
N LYS A 38 14.65 -0.35 -1.81
CA LYS A 38 15.63 -1.43 -1.92
C LYS A 38 15.82 -1.79 -3.39
N ALA A 39 17.07 -1.84 -3.83
CA ALA A 39 17.34 -2.21 -5.21
C ALA A 39 17.19 -3.71 -5.40
N ALA A 40 17.25 -4.13 -6.66
CA ALA A 40 17.23 -5.55 -7.05
C ALA A 40 15.96 -6.28 -6.60
N VAL A 41 14.98 -5.56 -6.04
CA VAL A 41 13.74 -6.24 -5.66
C VAL A 41 12.91 -6.46 -6.92
N ALA A 42 12.09 -7.51 -6.90
CA ALA A 42 11.35 -7.92 -8.10
C ALA A 42 10.34 -6.86 -8.56
N GLY A 43 9.74 -6.11 -7.63
CA GLY A 43 8.81 -5.07 -8.02
C GLY A 43 9.38 -4.07 -9.02
N LEU A 44 10.71 -3.86 -9.00
CA LEU A 44 11.30 -2.95 -9.96
C LEU A 44 11.25 -3.53 -11.36
N ASP A 45 11.41 -4.85 -11.49
CA ASP A 45 11.30 -5.51 -12.79
C ASP A 45 9.89 -5.40 -13.33
N LYS A 46 8.90 -5.66 -12.47
CA LYS A 46 7.51 -5.58 -12.91
C LYS A 46 7.19 -4.18 -13.44
N ALA A 47 7.68 -3.14 -12.76
CA ALA A 47 7.45 -1.79 -13.23
C ALA A 47 8.13 -1.56 -14.57
N GLU A 48 9.37 -2.00 -14.71
CA GLU A 48 10.08 -1.80 -15.98
C GLU A 48 9.43 -2.58 -17.12
N ARG A 49 8.96 -3.80 -16.86
N ARG A 49 8.97 -3.81 -16.87
CA ARG A 49 8.22 -4.51 -17.90
CA ARG A 49 8.22 -4.50 -17.90
C ARG A 49 6.96 -3.76 -18.29
C ARG A 49 6.99 -3.70 -18.32
N ALA A 50 6.41 -2.94 -17.39
CA ALA A 50 5.22 -2.16 -17.66
C ALA A 50 5.52 -0.79 -18.26
N GLY A 51 6.79 -0.44 -18.42
CA GLY A 51 7.11 0.87 -18.96
C GLY A 51 6.96 1.99 -17.98
N ILE A 52 7.00 1.71 -16.69
CA ILE A 52 6.79 2.71 -15.65
C ILE A 52 8.15 3.11 -15.08
N PRO A 53 8.46 4.42 -15.05
CA PRO A 53 9.73 4.86 -14.46
C PRO A 53 9.88 4.35 -13.03
N THR A 54 11.13 4.07 -12.65
CA THR A 54 11.44 3.61 -11.30
C THR A 54 12.51 4.50 -10.70
N ARG A 55 12.49 4.62 -9.38
CA ARG A 55 13.55 5.27 -8.64
C ARG A 55 13.81 4.47 -7.37
N VAL A 56 15.09 4.26 -7.05
CA VAL A 56 15.47 3.63 -5.79
C VAL A 56 15.98 4.73 -4.87
N ILE A 57 15.41 4.79 -3.67
CA ILE A 57 15.82 5.74 -2.66
C ILE A 57 16.20 4.91 -1.44
N ASN A 58 17.50 4.74 -1.22
CA ASN A 58 18.01 3.85 -0.20
C ASN A 58 17.93 4.52 1.17
N HIS A 59 16.91 4.15 1.96
CA HIS A 59 16.74 4.71 3.29
C HIS A 59 18.02 4.59 4.13
N LYS A 60 18.92 3.68 3.77
CA LYS A 60 20.15 3.47 4.52
C LYS A 60 21.18 4.57 4.30
N LEU A 61 20.94 5.46 3.32
CA LEU A 61 21.91 6.51 3.01
C LEU A 61 21.55 7.86 3.61
N TYR A 62 20.47 7.95 4.39
CA TYR A 62 20.02 9.21 4.96
C TYR A 62 20.21 9.20 6.47
N LYS A 63 20.59 10.36 7.01
CA LYS A 63 20.77 10.45 8.45
C LYS A 63 19.52 9.99 9.18
N ASN A 64 18.36 10.50 8.76
CA ASN A 64 17.13 10.27 9.50
C ASN A 64 15.98 10.05 8.51
N ARG A 65 14.78 9.84 9.07
CA ARG A 65 13.62 9.59 8.23
C ARG A 65 13.22 10.83 7.45
N VAL A 66 13.34 12.02 8.06
CA VAL A 66 12.85 13.23 7.41
C VAL A 66 13.59 13.48 6.10
N GLU A 67 14.93 13.39 6.13
CA GLU A 67 15.70 13.58 4.91
C GLU A 67 15.37 12.52 3.89
N PHE A 68 15.14 11.29 4.35
CA PHE A 68 14.79 10.19 3.45
C PHE A 68 13.43 10.42 2.82
N ASP A 69 12.39 10.61 3.65
CA ASP A 69 11.07 10.97 3.14
C ASP A 69 11.17 12.18 2.21
N SER A 70 11.87 13.22 2.65
CA SER A 70 12.05 14.40 1.82
C SER A 70 12.55 14.02 0.43
N ALA A 71 13.46 13.05 0.35
CA ALA A 71 13.95 12.60 -0.95
C ALA A 71 12.82 11.94 -1.74
N ILE A 72 11.96 11.19 -1.07
CA ILE A 72 10.80 10.61 -1.74
C ILE A 72 9.85 11.69 -2.20
N ASP A 73 9.55 12.64 -1.30
CA ASP A 73 8.65 13.74 -1.61
C ASP A 73 9.15 14.51 -2.83
N LEU A 74 10.46 14.69 -2.94
CA LEU A 74 11.01 15.36 -4.12
C LEU A 74 10.62 14.65 -5.41
N VAL A 75 10.70 13.31 -5.42
CA VAL A 75 10.36 12.57 -6.64
C VAL A 75 8.85 12.65 -6.89
N LEU A 76 8.05 12.58 -5.82
CA LEU A 76 6.62 12.72 -5.99
C LEU A 76 6.28 14.05 -6.65
N GLU A 77 6.93 15.14 -6.20
CA GLU A 77 6.69 16.44 -6.83
C GLU A 77 7.18 16.44 -8.27
N GLU A 78 8.33 15.80 -8.53
CA GLU A 78 8.86 15.79 -9.89
C GLU A 78 7.85 15.21 -10.86
N PHE A 79 7.10 14.19 -10.43
CA PHE A 79 6.10 13.51 -11.25
C PHE A 79 4.69 14.03 -11.00
N SER A 80 4.55 15.20 -10.38
CA SER A 80 3.24 15.79 -10.09
C SER A 80 2.25 14.74 -9.58
N ILE A 81 2.66 14.02 -8.53
CA ILE A 81 1.85 12.92 -8.02
C ILE A 81 0.68 13.46 -7.21
N ASP A 82 -0.48 12.84 -7.40
CA ASP A 82 -1.68 13.12 -6.62
C ASP A 82 -1.89 12.13 -5.48
N ILE A 83 -1.55 10.87 -5.71
CA ILE A 83 -1.91 9.78 -4.83
C ILE A 83 -0.72 8.85 -4.66
N VAL A 84 -0.45 8.45 -3.41
CA VAL A 84 0.64 7.54 -3.07
C VAL A 84 0.06 6.22 -2.57
N CYS A 85 0.44 5.12 -3.23
CA CYS A 85 0.10 3.77 -2.78
C CYS A 85 1.33 3.09 -2.18
N LEU A 86 1.23 2.71 -0.91
CA LEU A 86 2.25 1.90 -0.24
C LEU A 86 1.89 0.44 -0.47
N ALA A 87 2.69 -0.24 -1.30
CA ALA A 87 2.39 -1.59 -1.76
C ALA A 87 3.58 -2.46 -1.37
N GLY A 88 3.57 -2.94 -0.13
CA GLY A 88 4.71 -3.67 0.38
C GLY A 88 5.86 -2.79 0.80
N PHE A 89 5.62 -1.50 0.97
CA PHE A 89 6.63 -0.57 1.48
C PHE A 89 6.72 -0.73 2.98
N MET A 90 7.91 -1.01 3.48
CA MET A 90 8.06 -1.45 4.86
C MET A 90 8.70 -0.40 5.76
N ARG A 91 8.87 0.83 5.30
CA ARG A 91 9.42 1.89 6.13
C ARG A 91 8.29 2.71 6.74
N ILE A 92 8.44 3.04 8.00
CA ILE A 92 7.51 3.99 8.62
C ILE A 92 7.88 5.41 8.17
N LEU A 93 6.86 6.18 7.82
CA LEU A 93 7.05 7.50 7.27
C LEU A 93 6.92 8.53 8.38
N SER A 94 7.66 9.64 8.22
CA SER A 94 7.68 10.68 9.24
C SER A 94 6.37 11.47 9.25
N GLY A 95 6.09 12.07 10.41
CA GLY A 95 4.90 12.86 10.62
C GLY A 95 4.63 13.90 9.56
N PRO A 96 5.62 14.77 9.29
CA PRO A 96 5.36 15.83 8.30
C PRO A 96 5.04 15.28 6.93
N PHE A 97 5.71 14.20 6.52
CA PHE A 97 5.40 13.57 5.24
C PHE A 97 3.98 13.01 5.23
N VAL A 98 3.58 12.35 6.32
CA VAL A 98 2.23 11.81 6.41
C VAL A 98 1.21 12.94 6.38
N GLN A 99 1.50 14.02 7.11
CA GLN A 99 0.59 15.17 7.11
C GLN A 99 0.45 15.75 5.71
N LYS A 100 1.59 16.02 5.05
CA LYS A 100 1.54 16.60 3.71
C LYS A 100 0.68 15.76 2.77
N TRP A 101 0.73 14.44 2.91
CA TRP A 101 -0.02 13.53 2.03
C TRP A 101 -1.29 13.01 2.69
N ASN A 102 -1.67 13.59 3.82
CA ASN A 102 -2.92 13.22 4.47
C ASN A 102 -4.06 13.17 3.46
N GLY A 103 -4.81 12.08 3.49
CA GLY A 103 -5.93 11.95 2.57
C GLY A 103 -5.54 11.60 1.16
N LYS A 104 -4.25 11.41 0.88
CA LYS A 104 -3.78 11.11 -0.47
C LYS A 104 -2.89 9.87 -0.54
N MET A 105 -2.72 9.15 0.57
CA MET A 105 -1.77 8.05 0.63
C MET A 105 -2.46 6.83 1.20
N LEU A 106 -2.38 5.73 0.45
CA LEU A 106 -3.05 4.49 0.80
C LEU A 106 -2.01 3.43 1.14
N ASN A 107 -2.37 2.55 2.09
CA ASN A 107 -1.53 1.42 2.45
C ASN A 107 -2.39 0.16 2.46
N ILE A 108 -1.81 -0.96 2.03
CA ILE A 108 -2.44 -2.28 2.13
C ILE A 108 -1.81 -2.99 3.32
N HIS A 109 -2.64 -3.54 4.19
CA HIS A 109 -2.13 -4.21 5.37
C HIS A 109 -2.81 -5.58 5.46
N PRO A 110 -2.05 -6.65 5.64
CA PRO A 110 -2.57 -8.02 5.54
C PRO A 110 -3.25 -8.51 6.81
N SER A 111 -4.13 -7.68 7.37
CA SER A 111 -5.01 -8.14 8.44
C SER A 111 -6.31 -7.36 8.34
N LEU A 112 -7.32 -7.78 9.11
CA LEU A 112 -8.51 -6.96 9.30
C LEU A 112 -8.23 -5.99 10.43
N LEU A 113 -7.62 -4.84 10.10
CA LEU A 113 -7.43 -3.86 11.14
C LEU A 113 -8.78 -3.58 11.78
N PRO A 114 -8.79 -3.25 13.07
CA PRO A 114 -7.60 -2.95 13.86
C PRO A 114 -6.82 -4.16 14.43
N SER A 115 -7.23 -5.38 14.12
CA SER A 115 -6.45 -6.54 14.56
C SER A 115 -5.06 -6.58 13.91
N PHE A 116 -4.05 -6.93 14.69
CA PHE A 116 -2.77 -7.39 14.15
C PHE A 116 -2.09 -6.28 13.35
N LYS A 117 -1.94 -5.13 13.97
CA LYS A 117 -1.13 -4.07 13.43
C LYS A 117 0.35 -4.48 13.47
N GLY A 118 1.15 -3.80 12.67
CA GLY A 118 2.57 -4.06 12.66
C GLY A 118 2.99 -4.96 11.51
N SER A 119 4.24 -5.39 11.57
CA SER A 119 4.94 -5.92 10.41
C SER A 119 4.78 -7.43 10.23
N ASN A 120 4.24 -8.14 11.23
CA ASN A 120 4.10 -9.58 11.13
C ASN A 120 2.66 -10.03 11.31
N ALA A 121 1.73 -9.45 10.55
CA ALA A 121 0.32 -9.68 10.82
C ALA A 121 -0.02 -11.16 10.76
N HIS A 122 0.47 -11.86 9.74
CA HIS A 122 0.13 -13.26 9.57
C HIS A 122 0.58 -14.08 10.77
N GLU A 123 1.84 -13.86 11.22
CA GLU A 123 2.32 -14.54 12.41
C GLU A 123 1.39 -14.30 13.58
N GLN A 124 0.98 -13.05 13.77
CA GLN A 124 0.09 -12.73 14.88
C GLN A 124 -1.22 -13.46 14.75
N ALA A 125 -1.79 -13.48 13.55
CA ALA A 125 -3.08 -14.11 13.36
C ALA A 125 -3.00 -15.61 13.62
N LEU A 126 -1.91 -16.25 13.19
CA LEU A 126 -1.76 -17.68 13.46
C LEU A 126 -1.54 -17.93 14.94
N GLU A 127 -0.68 -17.14 15.58
N GLU A 127 -0.65 -17.14 15.55
CA GLU A 127 -0.45 -17.35 17.02
CA GLU A 127 -0.41 -17.23 16.99
C GLU A 127 -1.73 -17.14 17.80
C GLU A 127 -1.70 -17.11 17.78
N THR A 128 -2.56 -16.17 17.39
CA THR A 128 -3.81 -15.91 18.11
C THR A 128 -4.85 -17.00 17.88
N GLY A 129 -4.88 -17.60 16.71
CA GLY A 129 -5.81 -18.67 16.45
C GLY A 129 -7.12 -18.24 15.80
N VAL A 130 -7.16 -17.08 15.16
CA VAL A 130 -8.37 -16.67 14.45
C VAL A 130 -8.60 -17.65 13.31
N THR A 131 -9.87 -17.83 12.96
CA THR A 131 -10.23 -18.59 11.77
C THR A 131 -10.61 -17.70 10.60
N VAL A 132 -10.76 -16.41 10.83
CA VAL A 132 -10.97 -15.44 9.77
C VAL A 132 -9.87 -14.39 9.93
N THR A 133 -9.11 -14.15 8.87
CA THR A 133 -8.27 -12.97 8.85
C THR A 133 -8.68 -12.15 7.61
N GLY A 134 -7.75 -11.44 7.01
CA GLY A 134 -8.11 -10.67 5.84
C GLY A 134 -7.06 -9.59 5.58
N CYS A 135 -7.47 -8.57 4.85
CA CYS A 135 -6.57 -7.48 4.49
C CYS A 135 -7.36 -6.18 4.47
N THR A 136 -6.62 -5.07 4.61
CA THR A 136 -7.18 -3.73 4.75
C THR A 136 -6.41 -2.73 3.89
N VAL A 137 -7.14 -1.94 3.12
CA VAL A 137 -6.58 -0.71 2.55
C VAL A 137 -7.09 0.45 3.39
N HIS A 138 -6.17 1.31 3.82
CA HIS A 138 -6.54 2.46 4.63
C HIS A 138 -5.71 3.68 4.22
N PHE A 139 -6.25 4.86 4.49
CA PHE A 139 -5.45 6.06 4.41
C PHE A 139 -4.36 6.01 5.46
N VAL A 140 -3.14 6.39 5.06
CA VAL A 140 -2.05 6.41 6.03
C VAL A 140 -2.21 7.62 6.95
N ALA A 141 -2.39 7.35 8.23
CA ALA A 141 -2.31 8.39 9.24
C ALA A 141 -0.97 8.30 9.96
N GLU A 142 -0.72 9.28 10.81
CA GLU A 142 0.55 9.25 11.55
C GLU A 142 0.60 8.03 12.46
N ASP A 143 -0.51 7.73 13.12
CA ASP A 143 -0.62 6.52 13.94
C ASP A 143 -0.61 5.28 13.03
N VAL A 144 0.42 4.44 13.17
CA VAL A 144 0.65 3.37 12.21
C VAL A 144 -0.52 2.39 12.20
N ASP A 145 -0.95 2.02 10.98
CA ASP A 145 -2.06 1.09 10.76
C ASP A 145 -3.33 1.53 11.48
N ALA A 146 -3.53 2.84 11.60
CA ALA A 146 -4.71 3.39 12.27
C ALA A 146 -5.40 4.49 11.45
N GLY A 147 -4.93 4.78 10.24
CA GLY A 147 -5.66 5.68 9.37
C GLY A 147 -7.01 5.10 8.97
N GLN A 148 -7.80 5.96 8.32
CA GLN A 148 -9.18 5.59 8.00
C GLN A 148 -9.24 4.47 6.97
N ILE A 149 -10.14 3.54 7.24
CA ILE A 149 -10.25 2.30 6.47
C ILE A 149 -11.11 2.53 5.23
N ILE A 150 -10.56 2.18 4.07
CA ILE A 150 -11.25 2.35 2.81
C ILE A 150 -11.99 1.07 2.46
N LEU A 151 -11.26 -0.03 2.26
CA LEU A 151 -11.87 -1.35 2.01
C LEU A 151 -11.20 -2.42 2.87
N GLN A 152 -11.94 -3.51 3.09
CA GLN A 152 -11.40 -4.71 3.71
C GLN A 152 -12.01 -5.93 3.04
N GLU A 153 -11.28 -7.04 3.08
CA GLU A 153 -11.83 -8.31 2.64
C GLU A 153 -11.40 -9.43 3.59
N ALA A 154 -12.38 -10.19 4.08
CA ALA A 154 -12.09 -11.31 4.96
C ALA A 154 -11.51 -12.48 4.17
N VAL A 155 -10.63 -13.24 4.81
CA VAL A 155 -10.04 -14.43 4.22
C VAL A 155 -10.01 -15.53 5.28
N PRO A 156 -10.47 -16.74 4.99
CA PRO A 156 -10.45 -17.80 6.01
C PRO A 156 -9.03 -18.21 6.34
N VAL A 157 -8.81 -18.54 7.61
CA VAL A 157 -7.62 -19.31 7.98
C VAL A 157 -7.99 -20.79 7.97
N LYS A 158 -7.20 -21.60 7.26
CA LYS A 158 -7.41 -23.04 7.23
C LYS A 158 -6.48 -23.72 8.23
N ARG A 159 -6.93 -24.84 8.79
N ARG A 159 -6.95 -24.85 8.77
CA ARG A 159 -6.10 -25.56 9.74
CA ARG A 159 -6.11 -25.64 9.67
C ARG A 159 -4.83 -26.05 9.05
C ARG A 159 -4.79 -25.99 8.99
N GLY A 160 -3.72 -25.89 9.74
CA GLY A 160 -2.41 -26.16 9.18
C GLY A 160 -1.79 -25.00 8.47
N ASP A 161 -2.48 -23.86 8.37
CA ASP A 161 -1.94 -22.72 7.63
C ASP A 161 -0.58 -22.30 8.19
N THR A 162 0.29 -21.83 7.30
CA THR A 162 1.51 -21.18 7.71
C THR A 162 1.51 -19.77 7.16
N VAL A 163 2.50 -18.97 7.57
CA VAL A 163 2.70 -17.68 6.91
C VAL A 163 2.65 -17.86 5.40
N ALA A 164 3.36 -18.89 4.90
CA ALA A 164 3.44 -19.09 3.46
C ALA A 164 2.06 -19.28 2.84
N THR A 165 1.24 -20.17 3.40
CA THR A 165 -0.06 -20.47 2.78
C THR A 165 -1.11 -19.40 3.12
N LEU A 166 -1.10 -18.87 4.35
CA LEU A 166 -2.05 -17.82 4.69
C LEU A 166 -1.80 -16.56 3.88
N SER A 167 -0.53 -16.11 3.78
CA SER A 167 -0.25 -14.90 3.02
C SER A 167 -0.55 -15.10 1.55
N GLU A 168 -0.40 -16.32 1.04
CA GLU A 168 -0.75 -16.55 -0.35
C GLU A 168 -2.25 -16.34 -0.57
N ARG A 169 -3.07 -16.89 0.32
CA ARG A 169 -4.50 -16.69 0.21
C ARG A 169 -4.87 -15.22 0.44
N VAL A 170 -4.30 -14.58 1.47
CA VAL A 170 -4.64 -13.19 1.73
C VAL A 170 -4.26 -12.31 0.54
N LYS A 171 -3.15 -12.63 -0.14
CA LYS A 171 -2.73 -11.75 -1.23
C LYS A 171 -3.74 -11.73 -2.38
N LEU A 172 -4.44 -12.84 -2.61
CA LEU A 172 -5.45 -12.82 -3.67
C LEU A 172 -6.54 -11.81 -3.35
N ALA A 173 -6.85 -11.63 -2.07
CA ALA A 173 -7.78 -10.57 -1.69
C ALA A 173 -7.13 -9.21 -1.79
N GLU A 174 -5.87 -9.10 -1.39
CA GLU A 174 -5.19 -7.82 -1.50
C GLU A 174 -5.24 -7.29 -2.92
N HIS A 175 -5.03 -8.17 -3.90
CA HIS A 175 -5.02 -7.75 -5.30
C HIS A 175 -6.38 -7.38 -5.82
N LYS A 176 -7.44 -7.61 -5.03
CA LYS A 176 -8.78 -7.16 -5.35
C LYS A 176 -9.07 -5.81 -4.72
N ILE A 177 -8.90 -5.67 -3.40
CA ILE A 177 -9.34 -4.45 -2.72
C ILE A 177 -8.34 -3.30 -2.91
N PHE A 178 -7.06 -3.57 -3.15
CA PHE A 178 -6.16 -2.43 -3.38
C PHE A 178 -6.53 -1.72 -4.67
N PRO A 179 -6.66 -2.38 -5.81
CA PRO A 179 -7.12 -1.67 -7.01
C PRO A 179 -8.49 -1.05 -6.83
N ALA A 180 -9.42 -1.73 -6.16
CA ALA A 180 -10.73 -1.14 -5.97
C ALA A 180 -10.64 0.13 -5.13
N ALA A 181 -9.81 0.09 -4.07
CA ALA A 181 -9.68 1.24 -3.19
C ALA A 181 -9.00 2.39 -3.89
N LEU A 182 -7.97 2.10 -4.69
CA LEU A 182 -7.33 3.15 -5.47
C LEU A 182 -8.32 3.81 -6.43
N GLN A 183 -9.18 3.00 -7.08
CA GLN A 183 -10.15 3.60 -7.99
C GLN A 183 -11.15 4.47 -7.23
N LEU A 184 -11.58 4.03 -6.04
CA LEU A 184 -12.49 4.85 -5.24
C LEU A 184 -11.88 6.21 -4.93
N VAL A 185 -10.59 6.25 -4.58
CA VAL A 185 -9.94 7.50 -4.22
C VAL A 185 -9.63 8.31 -5.47
N ALA A 186 -9.10 7.64 -6.50
CA ALA A 186 -8.71 8.35 -7.72
C ALA A 186 -9.92 8.98 -8.40
N SER A 187 -11.06 8.30 -8.36
CA SER A 187 -12.28 8.83 -8.94
C SER A 187 -12.91 9.91 -8.08
N GLY A 188 -12.42 10.14 -6.88
CA GLY A 188 -13.09 11.05 -5.96
C GLY A 188 -14.35 10.49 -5.36
N THR A 189 -14.60 9.19 -5.47
CA THR A 189 -15.78 8.63 -4.84
C THR A 189 -15.63 8.58 -3.34
N VAL A 190 -14.43 8.31 -2.85
CA VAL A 190 -14.12 8.27 -1.43
C VAL A 190 -13.05 9.31 -1.17
N GLN A 191 -13.24 10.12 -0.13
CA GLN A 191 -12.20 11.02 0.33
C GLN A 191 -12.09 10.94 1.85
N LEU A 192 -10.95 11.37 2.35
CA LEU A 192 -10.80 11.57 3.78
C LEU A 192 -11.60 12.81 4.15
N GLY A 193 -12.69 12.63 4.87
CA GLY A 193 -13.62 13.71 5.07
C GLY A 193 -13.06 14.82 5.94
N GLU A 194 -13.74 15.97 5.89
CA GLU A 194 -13.44 17.13 6.72
C GLU A 194 -13.20 16.74 8.18
N ASN A 195 -13.98 15.79 8.69
CA ASN A 195 -13.85 15.26 10.03
C ASN A 195 -12.90 14.07 10.11
N GLY A 196 -12.17 13.78 9.03
CA GLY A 196 -11.16 12.75 9.04
C GLY A 196 -11.66 11.33 8.92
N LYS A 197 -12.96 11.11 8.85
CA LYS A 197 -13.53 9.80 8.61
C LYS A 197 -13.81 9.64 7.11
N ILE A 198 -13.92 8.39 6.67
CA ILE A 198 -14.16 8.14 5.25
C ILE A 198 -15.44 8.83 4.83
N CYS A 199 -15.39 9.57 3.74
CA CYS A 199 -16.52 10.27 3.16
C CYS A 199 -16.82 9.65 1.79
N TRP A 200 -18.01 9.10 1.62
CA TRP A 200 -18.43 8.53 0.34
C TRP A 200 -19.22 9.57 -0.43
N VAL A 201 -18.72 9.95 -1.60
CA VAL A 201 -19.36 10.94 -2.46
C VAL A 201 -19.91 10.28 -3.74
C1 GAR B . 1.66 -7.69 1.27
O6 GAR B . 1.15 -8.93 1.72
C2 GAR B . 1.24 -6.61 2.28
O8 GAR B . 0.00 -6.89 2.87
C3 GAR B . 2.44 -6.59 3.27
O4 GAR B . 3.59 -6.96 2.46
C5 GAR B . 3.20 -7.71 1.29
C10 GAR B . 3.83 -7.16 0.02
O12 GAR B . 3.63 -8.06 -1.06
N19 GAR B . 2.69 -5.34 3.95
C21 GAR B . 2.71 -5.32 5.30
O22 GAR B . 2.74 -6.32 6.04
C23 GAR B . 2.69 -3.92 5.88
N24 GAR B . 2.83 -3.89 7.32
P15 GAR B . 4.01 -7.59 -2.56
O16 GAR B . 2.90 -6.61 -2.90
O17 GAR B . 4.01 -8.87 -3.38
O18 GAR B . 5.38 -6.98 -2.40
H1 GAR B . 1.29 -7.50 0.26
HO6 GAR B . 0.35 -9.15 1.23
H2 GAR B . 1.06 -5.61 1.84
HO8 GAR B . -0.33 -6.09 3.33
H3 GAR B . 2.19 -7.28 4.10
H5 GAR B . 3.58 -8.75 1.35
H101 GAR B . 3.38 -6.19 -0.21
H102 GAR B . 4.90 -7.00 0.18
H19 GAR B . 2.87 -4.50 3.42
H231 GAR B . 1.76 -3.42 5.60
H232 GAR B . 3.52 -3.36 5.44
H241 GAR B . 2.92 -4.76 7.84
H242 GAR B . 2.84 -3.01 7.82
O25 V9A C . 11.06 -4.45 6.73
C26 V9A C . 10.91 0.75 9.92
C30 V9A C . 3.28 1.24 5.05
C32 V9A C . 3.72 -0.10 7.09
C31 V9A C . 3.12 -0.13 5.69
C33 V9A C . 4.65 -1.28 7.25
C20 V9A C . 10.56 -0.74 9.98
C16 V9A C . 5.23 -1.37 8.65
C17 V9A C . 8.22 -1.21 10.62
C22 V9A C . 10.74 -2.79 8.48
C21 V9A C . 11.36 -1.46 8.90
C13 V9A C . 6.78 -1.34 10.13
C8 V9A C . 2.27 3.73 7.79
C9 V9A C . 3.54 4.31 7.70
C4 V9A C . 1.37 4.29 8.74
C14 V9A C . 5.60 -1.59 10.86
C15 V9A C . 4.57 -1.61 9.86
C2 V9A C . 2.97 5.81 9.31
C23 V9A C . 11.57 -3.51 7.42
C6 V9A C . 3.18 2.31 6.08
C7 V9A C . 2.06 2.59 6.89
N1 V9A C . 3.90 5.36 8.45
N11 V9A C . 3.33 6.85 10.07
N19 V9A C . 9.15 -0.90 9.70
N3 V9A C . 1.73 5.33 9.50
O10 V9A C . 0.23 3.79 8.86
O12 V9A C . 6.50 -1.23 8.87
O18 V9A C . 8.51 -1.38 11.81
O24 V9A C . 12.77 -3.17 7.23
O27 V9A C . 12.24 1.16 10.06
O28 V9A C . 9.92 1.72 9.72
S5 V9A C . 4.42 3.46 6.50
NA NA D . -1.01 10.13 4.80
#